data_2QPO
#
_entry.id   2QPO
#
_cell.length_a   52.600
_cell.length_b   113.500
_cell.length_c   54.800
_cell.angle_alpha   90.00
_cell.angle_beta   109.16
_cell.angle_gamma   90.00
#
_symmetry.space_group_name_H-M   'P 1 21 1'
#
loop_
_entity.id
_entity.type
_entity.pdbx_description
1 polymer 'Thymidine kinase'
2 non-polymer 'ZINC ION'
3 non-polymer 'SULFATE ION'
4 water water
#
_entity_poly.entity_id   1
_entity_poly.type   'polypeptide(L)'
_entity_poly.pdbx_seq_one_letter_code
;MSGKLTVITGPMYSGKTTELLSFVEIYKLGKKKVAVFKPKIDSRYHSTMIVSHSGNGVEAHVIERPEEMRKYIEEDTRGV
FIDEVQFFNPSLFEVVKDLLDRGIDVFCAGLDLTHKQNPFETTALLLSLADTVIKKKAVCHRCGEYNATLTLKVAGGEEE
IDVGGQEKYIAVCRDCYNTLKKRV
;
_entity_poly.pdbx_strand_id   A,B,C,D
#
loop_
_chem_comp.id
_chem_comp.type
_chem_comp.name
_chem_comp.formula
SO4 non-polymer 'SULFATE ION' 'O4 S -2'
ZN non-polymer 'ZINC ION' 'Zn 2'
#
# COMPACT_ATOMS: atom_id res chain seq x y z
N SER A 2 10.20 16.55 -10.01
CA SER A 2 9.49 17.30 -8.94
C SER A 2 9.54 16.44 -7.73
N GLY A 3 9.23 17.05 -6.58
CA GLY A 3 9.14 16.34 -5.31
C GLY A 3 7.85 15.57 -5.23
N LYS A 4 7.83 14.55 -4.37
CA LYS A 4 6.65 13.73 -4.16
C LYS A 4 6.21 13.87 -2.71
N LEU A 5 4.88 13.82 -2.50
CA LEU A 5 4.26 14.00 -1.18
C LEU A 5 3.70 12.70 -0.63
N THR A 6 4.16 12.30 0.55
CA THR A 6 3.72 11.14 1.32
C THR A 6 2.93 11.62 2.56
N VAL A 7 1.73 11.09 2.75
CA VAL A 7 0.87 11.48 3.88
C VAL A 7 0.58 10.22 4.69
N ILE A 8 0.98 10.28 5.97
CA ILE A 8 0.79 9.24 6.99
C ILE A 8 -0.38 9.64 7.88
N THR A 9 -1.37 8.77 8.00
CA THR A 9 -2.54 9.14 8.80
C THR A 9 -3.18 7.92 9.43
N GLY A 10 -4.09 8.19 10.35
CA GLY A 10 -4.76 7.20 11.17
C GLY A 10 -5.14 7.84 12.49
N PRO A 11 -5.61 7.03 13.47
CA PRO A 11 -6.07 7.53 14.73
C PRO A 11 -4.87 7.72 15.68
N MET A 12 -5.15 8.11 16.91
CA MET A 12 -4.12 8.20 17.93
C MET A 12 -3.45 6.86 18.18
N TYR A 13 -2.18 6.90 18.58
CA TYR A 13 -1.41 5.69 18.99
C TYR A 13 -1.25 4.69 17.87
N SER A 14 -1.26 5.18 16.64
CA SER A 14 -1.03 4.30 15.53
C SER A 14 0.42 4.33 14.98
N GLY A 15 1.31 5.04 15.66
CA GLY A 15 2.72 4.99 15.32
C GLY A 15 3.14 5.91 14.20
N LYS A 16 2.39 7.00 14.00
CA LYS A 16 2.54 7.89 12.84
C LYS A 16 3.78 8.77 12.92
N THR A 17 4.20 9.08 14.13
CA THR A 17 5.38 9.90 14.35
C THR A 17 6.61 9.02 14.16
N THR A 18 6.58 7.84 14.75
CA THR A 18 7.68 6.90 14.53
C THR A 18 7.80 6.52 13.05
N GLU A 19 6.67 6.46 12.34
CA GLU A 19 6.71 6.27 10.89
C GLU A 19 7.39 7.43 10.13
N LEU A 20 7.05 8.69 10.45
CA LEU A 20 7.66 9.78 9.70
C LEU A 20 9.14 9.89 10.00
N LEU A 21 9.55 9.33 11.16
CA LEU A 21 10.96 9.28 11.55
C LEU A 21 11.69 8.19 10.78
N SER A 22 11.00 7.10 10.49
CA SER A 22 11.52 6.15 9.50
C SER A 22 12.03 6.94 8.28
N PHE A 23 11.26 7.95 7.84
CA PHE A 23 11.59 8.68 6.63
C PHE A 23 12.68 9.73 6.81
N VAL A 24 12.62 10.51 7.89
CA VAL A 24 13.73 11.42 8.25
C VAL A 24 15.09 10.70 8.21
N GLU A 25 15.12 9.52 8.82
CA GLU A 25 16.33 8.72 8.93
C GLU A 25 16.89 8.28 7.61
N ILE A 26 16.02 7.92 6.68
CA ILE A 26 16.48 7.49 5.36
C ILE A 26 17.29 8.65 4.75
N TYR A 27 16.81 9.88 4.96
CA TYR A 27 17.38 11.06 4.34
C TYR A 27 18.68 11.47 4.99
N LYS A 28 18.76 11.35 6.32
CA LYS A 28 19.99 11.57 7.08
C LYS A 28 21.06 10.54 6.77
N LEU A 29 20.67 9.26 6.72
CA LEU A 29 21.59 8.22 6.30
C LEU A 29 22.16 8.52 4.91
N GLY A 30 21.36 9.16 4.08
CA GLY A 30 21.78 9.53 2.74
C GLY A 30 22.55 10.84 2.65
N LYS A 31 22.88 11.44 3.81
CA LYS A 31 23.58 12.73 3.86
C LYS A 31 22.76 13.86 3.22
N LYS A 32 21.44 13.79 3.36
CA LYS A 32 20.60 14.85 2.80
C LYS A 32 20.11 15.82 3.86
N LYS A 33 19.98 17.06 3.47
CA LYS A 33 19.57 18.11 4.39
C LYS A 33 18.05 18.02 4.43
N VAL A 34 17.53 18.05 5.65
CA VAL A 34 16.10 17.93 5.91
C VAL A 34 15.60 19.08 6.79
N ALA A 35 14.32 19.41 6.69
CA ALA A 35 13.75 20.36 7.66
C ALA A 35 12.53 19.71 8.29
N VAL A 36 12.53 19.66 9.63
CA VAL A 36 11.47 18.98 10.41
C VAL A 36 10.65 20.01 11.18
N PHE A 37 9.33 19.87 11.15
CA PHE A 37 8.41 20.85 11.72
C PHE A 37 7.29 20.17 12.54
N LYS A 38 6.89 20.85 13.61
CA LYS A 38 5.72 20.48 14.40
C LYS A 38 4.98 21.74 14.82
N PRO A 39 3.69 21.63 15.19
CA PRO A 39 2.98 22.83 15.60
C PRO A 39 3.25 23.22 17.05
N ALA A 60 13.85 19.41 15.13
CA ALA A 60 12.46 19.76 14.79
C ALA A 60 12.06 21.14 15.27
N HIS A 61 11.73 22.03 14.34
CA HIS A 61 11.32 23.37 14.70
C HIS A 61 9.84 23.41 15.03
N VAL A 62 9.49 24.21 16.04
CA VAL A 62 8.10 24.36 16.49
C VAL A 62 7.50 25.69 16.00
N ILE A 63 6.61 25.61 15.04
CA ILE A 63 6.11 26.80 14.34
C ILE A 63 4.63 26.97 14.57
N GLU A 64 4.11 28.16 14.31
CA GLU A 64 2.69 28.43 14.41
C GLU A 64 2.03 28.38 13.03
N ARG A 65 2.61 29.09 12.07
CA ARG A 65 2.03 29.23 10.74
C ARG A 65 2.84 28.49 9.66
N PRO A 66 2.17 27.92 8.64
CA PRO A 66 2.88 27.29 7.52
C PRO A 66 3.87 28.22 6.79
N GLU A 67 3.59 29.51 6.79
CA GLU A 67 4.45 30.51 6.14
C GLU A 67 5.76 30.75 6.87
N GLU A 68 5.90 30.16 8.07
CA GLU A 68 7.13 30.21 8.87
C GLU A 68 8.15 29.14 8.48
N MET A 69 7.75 28.21 7.63
CA MET A 69 8.65 27.16 7.19
C MET A 69 9.77 27.73 6.31
N ARG A 70 9.42 28.72 5.51
CA ARG A 70 10.36 29.52 4.70
C ARG A 70 11.74 29.68 5.36
N LYS A 71 11.71 30.20 6.59
CA LYS A 71 12.90 30.62 7.34
C LYS A 71 13.92 29.52 7.56
N TYR A 72 13.44 28.28 7.53
CA TYR A 72 14.22 27.12 7.94
C TYR A 72 14.52 26.20 6.76
N ILE A 73 14.01 26.58 5.59
CA ILE A 73 14.27 25.79 4.38
C ILE A 73 15.32 26.48 3.50
N GLU A 74 16.39 25.75 3.19
CA GLU A 74 17.50 26.29 2.42
C GLU A 74 17.62 25.63 1.07
N GLU A 75 18.52 26.15 0.25
CA GLU A 75 18.61 25.80 -1.14
C GLU A 75 18.98 24.35 -1.32
N ASP A 76 19.69 23.77 -0.35
CA ASP A 76 20.03 22.36 -0.42
C ASP A 76 19.14 21.45 0.48
N THR A 77 18.00 21.95 0.92
CA THR A 77 17.02 21.13 1.68
C THR A 77 16.34 20.20 0.71
N ARG A 78 16.50 18.90 0.91
CA ARG A 78 15.97 17.91 -0.08
C ARG A 78 14.70 17.21 0.42
N GLY A 79 14.38 17.35 1.71
CA GLY A 79 13.22 16.71 2.31
C GLY A 79 12.60 17.59 3.37
N VAL A 80 11.27 17.67 3.37
CA VAL A 80 10.55 18.46 4.39
C VAL A 80 9.59 17.53 5.14
N PHE A 81 9.64 17.57 6.48
CA PHE A 81 8.91 16.61 7.32
C PHE A 81 8.01 17.34 8.31
N ILE A 82 6.71 17.07 8.28
CA ILE A 82 5.79 17.85 9.11
C ILE A 82 4.88 16.89 9.88
N ASP A 83 4.91 17.05 11.21
CA ASP A 83 4.09 16.23 12.11
C ASP A 83 2.84 16.99 12.60
N GLU A 84 1.88 16.24 13.12
CA GLU A 84 0.67 16.85 13.70
C GLU A 84 0.01 17.86 12.76
N VAL A 85 -0.07 17.48 11.50
CA VAL A 85 -0.55 18.32 10.41
C VAL A 85 -1.99 18.82 10.59
N GLN A 86 -2.78 18.08 11.36
CA GLN A 86 -4.15 18.49 11.68
C GLN A 86 -4.21 19.87 12.31
N PHE A 87 -3.18 20.25 13.07
CA PHE A 87 -3.20 21.52 13.79
C PHE A 87 -2.79 22.76 13.00
N PHE A 88 -2.31 22.57 11.76
CA PHE A 88 -1.93 23.70 10.90
C PHE A 88 -3.15 24.23 10.08
N ASN A 89 -3.10 25.51 9.69
CA ASN A 89 -4.13 26.13 8.86
C ASN A 89 -4.02 25.51 7.47
N PRO A 90 -5.19 25.29 6.79
CA PRO A 90 -5.31 24.73 5.43
C PRO A 90 -4.49 25.45 4.34
N SER A 91 -3.83 26.55 4.72
CA SER A 91 -2.88 27.22 3.80
C SER A 91 -1.65 26.35 3.57
N LEU A 92 -1.46 25.35 4.42
CA LEU A 92 -0.35 24.42 4.30
C LEU A 92 -0.41 23.69 2.96
N PHE A 93 -1.61 23.45 2.46
CA PHE A 93 -1.83 22.90 1.09
C PHE A 93 -0.98 23.58 0.01
N GLU A 94 -0.95 24.91 -0.01
CA GLU A 94 -0.22 25.65 -1.07
C GLU A 94 1.24 25.77 -0.76
N VAL A 95 1.54 25.78 0.52
CA VAL A 95 2.92 25.79 0.95
C VAL A 95 3.57 24.53 0.46
N VAL A 96 2.90 23.40 0.71
CA VAL A 96 3.40 22.08 0.27
C VAL A 96 3.40 21.95 -1.26
N LYS A 97 2.35 22.42 -1.92
CA LYS A 97 2.30 22.35 -3.37
C LYS A 97 3.55 23.01 -3.98
N ASP A 98 3.93 24.17 -3.44
CA ASP A 98 5.08 24.93 -3.93
C ASP A 98 6.39 24.17 -3.71
N LEU A 99 6.51 23.47 -2.57
CA LEU A 99 7.74 22.71 -2.26
C LEU A 99 7.91 21.57 -3.25
N LEU A 100 6.81 20.90 -3.54
CA LEU A 100 6.78 19.81 -4.51
C LEU A 100 7.22 20.24 -5.91
N ASP A 101 6.69 21.37 -6.37
CA ASP A 101 7.04 21.97 -7.66
C ASP A 101 8.52 22.39 -7.80
N ARG A 102 9.14 22.71 -6.66
CA ARG A 102 10.54 23.07 -6.55
C ARG A 102 11.44 21.88 -6.38
N GLY A 103 10.87 20.67 -6.43
CA GLY A 103 11.64 19.45 -6.38
C GLY A 103 11.95 18.92 -5.01
N ILE A 104 11.28 19.45 -3.98
CA ILE A 104 11.50 19.02 -2.58
C ILE A 104 10.44 17.97 -2.17
N ASP A 105 10.89 16.82 -1.65
CA ASP A 105 9.99 15.73 -1.20
C ASP A 105 9.42 16.15 0.15
N VAL A 106 8.14 15.90 0.35
CA VAL A 106 7.45 16.34 1.56
C VAL A 106 6.78 15.12 2.19
N PHE A 107 6.99 14.93 3.50
CA PHE A 107 6.35 13.88 4.27
C PHE A 107 5.58 14.53 5.42
N CYS A 108 4.28 14.21 5.53
CA CYS A 108 3.34 14.77 6.53
C CYS A 108 2.67 13.65 7.33
N ALA A 109 2.64 13.79 8.67
CA ALA A 109 1.84 12.94 9.52
C ALA A 109 0.74 13.73 10.22
N GLY A 110 -0.50 13.20 10.26
CA GLY A 110 -1.53 13.86 11.05
C GLY A 110 -2.72 12.95 11.21
N LEU A 111 -3.67 13.35 12.05
CA LEU A 111 -4.88 12.60 12.26
C LEU A 111 -5.83 12.92 11.11
N ASP A 112 -6.54 11.90 10.66
CA ASP A 112 -7.47 12.06 9.58
C ASP A 112 -8.85 12.49 10.09
N LEU A 113 -9.25 11.94 11.23
CA LEU A 113 -10.59 12.21 11.78
C LEU A 113 -10.50 12.61 13.24
N THR A 114 -11.46 13.44 13.69
CA THR A 114 -11.57 13.85 15.10
C THR A 114 -12.21 12.75 15.94
N HIS A 115 -12.18 12.87 17.26
CA HIS A 115 -12.86 11.92 18.15
C HIS A 115 -14.37 11.83 17.85
N LYS A 116 -14.92 12.81 17.11
CA LYS A 116 -16.37 12.79 16.71
C LYS A 116 -16.56 12.23 15.30
N GLN A 117 -15.46 11.70 14.75
CA GLN A 117 -15.40 11.18 13.40
C GLN A 117 -15.66 12.21 12.32
N ASN A 118 -15.24 13.46 12.52
CA ASN A 118 -15.27 14.43 11.43
C ASN A 118 -13.85 14.61 10.86
N PRO A 119 -13.74 14.96 9.56
CA PRO A 119 -12.40 15.13 8.97
C PRO A 119 -11.66 16.33 9.54
N PHE A 120 -10.35 16.21 9.75
CA PHE A 120 -9.55 17.38 9.93
C PHE A 120 -9.26 17.95 8.54
N GLU A 121 -9.68 19.20 8.29
CA GLU A 121 -9.54 19.84 6.97
C GLU A 121 -8.13 19.79 6.37
N THR A 122 -7.11 20.19 7.13
CA THR A 122 -5.75 20.25 6.62
C THR A 122 -5.29 18.83 6.19
N THR A 123 -5.60 17.81 6.98
CA THR A 123 -5.21 16.45 6.61
C THR A 123 -5.93 16.01 5.32
N ALA A 124 -7.20 16.38 5.18
CA ALA A 124 -8.05 15.95 4.06
C ALA A 124 -7.52 16.57 2.80
N LEU A 125 -7.08 17.83 2.89
CA LEU A 125 -6.51 18.51 1.70
C LEU A 125 -5.18 17.87 1.25
N LEU A 126 -4.36 17.53 2.21
CA LEU A 126 -3.06 16.96 1.88
C LEU A 126 -3.17 15.57 1.33
N LEU A 127 -4.23 14.84 1.70
CA LEU A 127 -4.48 13.48 1.17
C LEU A 127 -4.91 13.61 -0.28
N SER A 128 -5.74 14.60 -0.63
CA SER A 128 -6.02 14.85 -2.07
C SER A 128 -4.78 15.15 -2.94
N LEU A 129 -3.81 15.83 -2.35
CA LEU A 129 -2.59 16.25 -3.06
C LEU A 129 -1.53 15.15 -3.03
N ALA A 130 -1.62 14.20 -2.09
CA ALA A 130 -0.51 13.22 -1.86
C ALA A 130 -0.24 12.35 -3.07
N ASP A 131 1.03 11.98 -3.25
CA ASP A 131 1.40 10.96 -4.23
C ASP A 131 1.16 9.55 -3.66
N THR A 132 1.33 9.45 -2.35
CA THR A 132 1.33 8.21 -1.60
C THR A 132 0.56 8.47 -0.28
N VAL A 133 -0.40 7.61 0.04
CA VAL A 133 -1.10 7.65 1.33
C VAL A 133 -0.73 6.40 2.16
N ILE A 134 -0.26 6.61 3.39
CA ILE A 134 -0.12 5.53 4.35
C ILE A 134 -1.17 5.66 5.44
N LYS A 135 -2.05 4.67 5.50
CA LYS A 135 -3.07 4.54 6.56
C LYS A 135 -2.57 3.64 7.67
N LYS A 136 -2.36 4.22 8.86
CA LYS A 136 -1.92 3.46 10.05
C LYS A 136 -3.07 3.00 10.97
N LYS A 137 -2.91 1.81 11.55
CA LYS A 137 -3.87 1.26 12.53
C LYS A 137 -3.22 1.27 13.90
N ALA A 138 -4.03 1.36 14.96
CA ALA A 138 -3.59 1.14 16.34
C ALA A 138 -4.15 -0.18 16.86
N VAL A 139 -3.75 -0.55 18.06
CA VAL A 139 -4.38 -1.64 18.81
C VAL A 139 -5.72 -1.11 19.36
N CYS A 140 -6.83 -1.83 19.13
CA CYS A 140 -8.14 -1.40 19.69
C CYS A 140 -8.08 -1.49 21.22
N HIS A 141 -8.29 -0.35 21.87
CA HIS A 141 -8.24 -0.26 23.31
C HIS A 141 -9.24 -1.20 23.96
N ARG A 142 -10.32 -1.53 23.24
CA ARG A 142 -11.39 -2.37 23.81
C ARG A 142 -11.25 -3.87 23.57
N CYS A 143 -11.18 -4.27 22.31
CA CYS A 143 -11.15 -5.68 21.92
C CYS A 143 -9.75 -6.24 21.69
N GLY A 144 -8.74 -5.38 21.63
CA GLY A 144 -7.35 -5.89 21.67
C GLY A 144 -6.68 -6.19 20.34
N GLU A 145 -7.44 -6.12 19.26
CA GLU A 145 -6.94 -6.48 17.96
C GLU A 145 -6.16 -5.33 17.31
N TYR A 146 -5.35 -5.70 16.33
CA TYR A 146 -4.56 -4.75 15.54
C TYR A 146 -5.49 -4.25 14.44
N ASN A 147 -6.39 -3.31 14.76
CA ASN A 147 -7.49 -3.02 13.83
C ASN A 147 -8.22 -1.70 14.10
N ALA A 148 -7.66 -0.91 15.01
CA ALA A 148 -8.25 0.34 15.39
C ALA A 148 -7.95 1.45 14.37
N THR A 149 -9.01 2.08 13.86
CA THR A 149 -8.95 3.13 12.85
C THR A 149 -9.50 4.47 13.33
N LEU A 150 -10.16 4.48 14.50
CA LEU A 150 -10.82 5.70 15.00
C LEU A 150 -10.31 6.09 16.39
N THR A 151 -10.55 7.33 16.78
CA THR A 151 -10.22 7.85 18.11
C THR A 151 -11.53 8.18 18.79
N LEU A 152 -11.62 7.85 20.08
CA LEU A 152 -12.84 8.15 20.84
C LEU A 152 -12.45 8.83 22.16
N LYS A 153 -13.21 9.83 22.59
CA LYS A 153 -13.07 10.44 23.92
C LYS A 153 -13.96 9.66 24.92
N VAL A 154 -13.37 9.16 26.01
CA VAL A 154 -14.08 8.41 27.05
C VAL A 154 -13.73 8.92 28.47
N ALA A 155 -14.54 8.53 29.46
CA ALA A 155 -14.25 8.87 30.89
C ALA A 155 -12.88 8.37 31.32
N GLY A 156 -12.09 9.25 31.94
CA GLY A 156 -10.69 8.97 32.25
C GLY A 156 -10.29 8.51 33.66
N GLY A 157 -11.19 7.85 34.37
CA GLY A 157 -10.91 7.38 35.72
C GLY A 157 -9.84 6.34 35.94
N GLU A 158 -9.44 5.60 34.90
CA GLU A 158 -8.35 4.58 35.00
C GLU A 158 -7.32 4.74 33.90
N GLU A 159 -6.11 4.25 34.14
CA GLU A 159 -5.01 4.34 33.14
C GLU A 159 -3.83 3.37 33.34
N GLU A 167 -11.64 12.97 31.36
CA GLU A 167 -11.74 12.54 29.95
C GLU A 167 -10.41 12.11 29.35
N LYS A 168 -10.42 11.00 28.60
CA LYS A 168 -9.23 10.52 27.95
C LYS A 168 -9.56 10.08 26.51
N TYR A 169 -8.52 9.98 25.67
CA TYR A 169 -8.62 9.55 24.27
C TYR A 169 -8.11 8.15 24.12
N ILE A 170 -8.88 7.33 23.41
CA ILE A 170 -8.51 5.94 23.14
C ILE A 170 -8.67 5.65 21.63
N ALA A 171 -7.90 4.68 21.13
CA ALA A 171 -8.02 4.22 19.73
C ALA A 171 -8.90 2.97 19.70
N VAL A 172 -9.89 2.91 18.80
CA VAL A 172 -10.86 1.80 18.73
C VAL A 172 -11.14 1.39 17.28
N CYS A 173 -11.56 0.17 17.07
CA CYS A 173 -12.12 -0.19 15.80
C CYS A 173 -13.51 0.42 15.71
N ARG A 174 -14.09 0.37 14.51
CA ARG A 174 -15.40 0.93 14.23
C ARG A 174 -16.51 0.21 15.04
N ASP A 175 -16.51 -1.12 15.03
CA ASP A 175 -17.41 -1.88 15.92
C ASP A 175 -17.35 -1.41 17.39
N CYS A 176 -16.14 -1.23 17.92
CA CYS A 176 -16.01 -0.87 19.34
C CYS A 176 -16.38 0.60 19.57
N TYR A 177 -16.08 1.45 18.59
CA TYR A 177 -16.55 2.84 18.62
C TYR A 177 -18.05 2.90 18.79
N ASN A 178 -18.72 2.09 17.98
CA ASN A 178 -20.19 2.07 17.98
C ASN A 178 -20.82 1.50 19.24
N THR A 179 -20.11 0.57 19.87
CA THR A 179 -20.50 0.00 21.17
C THR A 179 -20.29 1.03 22.28
N LEU A 180 -19.13 1.68 22.31
CA LEU A 180 -18.79 2.61 23.40
C LEU A 180 -19.30 4.04 23.29
N LYS A 181 -19.54 4.51 22.08
CA LYS A 181 -19.57 5.95 21.81
C LYS A 181 -20.79 6.37 21.05
N SER B 2 15.25 3.43 -15.85
CA SER B 2 14.97 1.96 -15.94
C SER B 2 13.47 1.72 -15.83
N GLY B 3 13.05 0.49 -16.10
CA GLY B 3 11.65 0.10 -15.90
C GLY B 3 11.40 -0.22 -14.45
N LYS B 4 10.13 -0.26 -14.06
CA LYS B 4 9.73 -0.65 -12.72
C LYS B 4 8.91 -1.92 -12.79
N LEU B 5 9.09 -2.81 -11.80
CA LEU B 5 8.29 -4.05 -11.69
C LEU B 5 7.20 -3.99 -10.59
N THR B 6 5.98 -4.30 -11.02
CA THR B 6 4.82 -4.41 -10.18
C THR B 6 4.40 -5.85 -10.21
N VAL B 7 4.29 -6.46 -9.03
CA VAL B 7 3.82 -7.84 -8.95
C VAL B 7 2.45 -7.91 -8.22
N ILE B 8 1.43 -8.45 -8.91
CA ILE B 8 0.09 -8.64 -8.36
C ILE B 8 -0.16 -10.08 -7.93
N THR B 9 -0.52 -10.29 -6.67
CA THR B 9 -0.60 -11.68 -6.18
C THR B 9 -1.76 -11.84 -5.21
N GLY B 10 -2.09 -13.09 -4.95
CA GLY B 10 -3.26 -13.46 -4.13
C GLY B 10 -3.82 -14.82 -4.52
N PRO B 11 -4.89 -15.28 -3.82
CA PRO B 11 -5.49 -16.58 -4.15
C PRO B 11 -6.34 -16.50 -5.42
N MET B 12 -6.89 -17.63 -5.86
CA MET B 12 -7.74 -17.62 -7.03
C MET B 12 -8.94 -16.74 -6.75
N TYR B 13 -9.52 -16.16 -7.82
CA TYR B 13 -10.76 -15.33 -7.74
C TYR B 13 -10.61 -14.07 -6.91
N SER B 14 -9.37 -13.62 -6.77
CA SER B 14 -9.07 -12.37 -6.09
C SER B 14 -8.91 -11.26 -7.13
N GLY B 15 -9.12 -11.57 -8.40
CA GLY B 15 -9.12 -10.54 -9.44
C GLY B 15 -7.76 -10.13 -9.96
N LYS B 16 -6.80 -11.06 -10.01
CA LYS B 16 -5.45 -10.74 -10.49
C LYS B 16 -5.40 -10.43 -11.98
N THR B 17 -6.04 -11.30 -12.79
CA THR B 17 -6.07 -11.20 -14.25
C THR B 17 -6.68 -9.87 -14.73
N THR B 18 -7.81 -9.48 -14.15
CA THR B 18 -8.43 -8.21 -14.54
C THR B 18 -7.62 -7.01 -14.01
N GLU B 19 -7.02 -7.12 -12.82
CA GLU B 19 -6.03 -6.14 -12.35
C GLU B 19 -4.88 -5.89 -13.35
N LEU B 20 -4.33 -6.97 -13.89
CA LEU B 20 -3.25 -6.87 -14.86
C LEU B 20 -3.71 -6.23 -16.17
N LEU B 21 -4.79 -6.77 -16.75
CA LEU B 21 -5.41 -6.20 -17.95
C LEU B 21 -5.77 -4.72 -17.77
N SER B 22 -6.08 -4.32 -16.53
CA SER B 22 -6.40 -2.91 -16.25
C SER B 22 -5.20 -2.00 -16.48
N PHE B 23 -4.01 -2.52 -16.17
CA PHE B 23 -2.77 -1.78 -16.34
C PHE B 23 -2.45 -1.77 -17.81
N VAL B 24 -2.77 -2.86 -18.51
CA VAL B 24 -2.62 -2.90 -19.98
C VAL B 24 -3.38 -1.77 -20.64
N GLU B 25 -4.63 -1.59 -20.20
CA GLU B 25 -5.54 -0.61 -20.79
C GLU B 25 -5.05 0.83 -20.61
N ILE B 26 -4.56 1.16 -19.41
CA ILE B 26 -3.96 2.47 -19.14
C ILE B 26 -2.80 2.76 -20.09
N TYR B 27 -1.96 1.75 -20.32
CA TYR B 27 -0.80 1.90 -21.21
C TYR B 27 -1.23 2.11 -22.65
N LYS B 28 -2.03 1.18 -23.17
CA LYS B 28 -2.65 1.27 -24.49
C LYS B 28 -3.33 2.61 -24.78
N LEU B 29 -4.03 3.16 -23.79
CA LEU B 29 -4.65 4.49 -23.91
C LEU B 29 -3.63 5.61 -23.96
N GLY B 30 -2.53 5.45 -23.22
CA GLY B 30 -1.46 6.44 -23.24
C GLY B 30 -0.57 6.36 -24.46
N LYS B 31 -0.98 5.51 -25.41
CA LYS B 31 -0.24 5.18 -26.64
C LYS B 31 1.15 4.60 -26.42
N LYS B 32 1.30 3.75 -25.41
CA LYS B 32 2.56 3.01 -25.29
C LYS B 32 2.36 1.67 -25.97
N LYS B 33 3.43 1.18 -26.56
CA LYS B 33 3.48 -0.14 -27.17
C LYS B 33 3.70 -1.17 -26.09
N VAL B 34 2.83 -2.17 -26.04
CA VAL B 34 2.90 -3.20 -25.00
C VAL B 34 2.84 -4.62 -25.58
N ALA B 35 3.26 -5.58 -24.78
CA ALA B 35 3.16 -7.00 -25.11
C ALA B 35 2.69 -7.77 -23.87
N VAL B 36 1.76 -8.72 -24.10
CA VAL B 36 1.20 -9.57 -23.03
C VAL B 36 1.65 -11.03 -23.25
N PHE B 37 1.89 -11.78 -22.18
CA PHE B 37 2.34 -13.17 -22.27
C PHE B 37 1.64 -14.04 -21.26
N LYS B 38 1.59 -15.33 -21.55
CA LYS B 38 0.84 -16.26 -20.71
C LYS B 38 1.54 -17.59 -20.98
N PRO B 39 1.63 -18.49 -19.98
CA PRO B 39 2.27 -19.81 -20.15
C PRO B 39 1.48 -20.74 -21.05
N VAL B 58 -1.81 -4.01 -28.97
CA VAL B 58 -1.54 -4.97 -27.91
C VAL B 58 -1.76 -6.42 -28.36
N GLU B 59 -0.67 -7.15 -28.44
CA GLU B 59 -0.71 -8.58 -28.75
C GLU B 59 -0.38 -9.41 -27.51
N ALA B 60 -1.11 -10.50 -27.34
CA ALA B 60 -0.91 -11.45 -26.26
C ALA B 60 -0.43 -12.76 -26.86
N HIS B 61 0.65 -13.28 -26.29
CA HIS B 61 1.27 -14.48 -26.79
C HIS B 61 1.17 -15.56 -25.74
N VAL B 62 0.99 -16.81 -26.15
CA VAL B 62 1.15 -17.96 -25.24
C VAL B 62 2.55 -18.54 -25.47
N ILE B 63 3.33 -18.71 -24.40
CA ILE B 63 4.71 -19.16 -24.54
C ILE B 63 5.09 -20.28 -23.57
N GLU B 64 6.00 -21.16 -23.99
CA GLU B 64 6.35 -22.30 -23.15
C GLU B 64 7.45 -21.92 -22.19
N ARG B 65 8.44 -21.18 -22.69
CA ARG B 65 9.60 -20.73 -21.89
C ARG B 65 9.73 -19.20 -21.83
N PRO B 66 10.21 -18.64 -20.70
CA PRO B 66 10.38 -17.18 -20.58
C PRO B 66 11.24 -16.51 -21.67
N GLU B 67 12.28 -17.23 -22.12
CA GLU B 67 13.18 -16.74 -23.14
C GLU B 67 12.49 -16.43 -24.49
N GLU B 68 11.32 -17.00 -24.72
CA GLU B 68 10.48 -16.73 -25.90
C GLU B 68 9.86 -15.33 -25.96
N MET B 69 9.85 -14.62 -24.84
CA MET B 69 9.43 -13.21 -24.84
C MET B 69 10.31 -12.34 -25.71
N ARG B 70 11.63 -12.61 -25.67
CA ARG B 70 12.63 -11.85 -26.40
C ARG B 70 12.26 -11.54 -27.85
N LYS B 71 11.77 -12.52 -28.59
CA LYS B 71 11.48 -12.29 -30.02
C LYS B 71 10.25 -11.41 -30.28
N TYR B 72 9.51 -11.09 -29.22
CA TYR B 72 8.30 -10.29 -29.36
C TYR B 72 8.44 -8.92 -28.70
N ILE B 73 9.64 -8.63 -28.23
CA ILE B 73 9.92 -7.32 -27.69
C ILE B 73 10.68 -6.47 -28.72
N GLU B 74 10.00 -5.39 -29.13
CA GLU B 74 10.53 -4.42 -30.06
C GLU B 74 11.19 -3.27 -29.32
N GLU B 75 12.09 -2.57 -30.00
CA GLU B 75 12.79 -1.41 -29.44
C GLU B 75 11.79 -0.35 -29.01
N ASP B 76 10.58 -0.51 -29.51
CA ASP B 76 9.44 0.35 -29.21
C ASP B 76 8.75 0.06 -27.89
N THR B 77 8.89 -1.16 -27.39
CA THR B 77 8.08 -1.72 -26.29
C THR B 77 8.42 -1.06 -24.97
N ARG B 78 7.41 -0.50 -24.33
CA ARG B 78 7.58 0.18 -23.03
C ARG B 78 6.90 -0.53 -21.84
N GLY B 79 5.95 -1.41 -22.12
CA GLY B 79 5.34 -2.24 -21.08
C GLY B 79 5.20 -3.69 -21.50
N VAL B 80 5.55 -4.59 -20.57
CA VAL B 80 5.38 -6.04 -20.71
C VAL B 80 4.51 -6.55 -19.55
N PHE B 81 3.51 -7.35 -19.89
CA PHE B 81 2.50 -7.87 -18.98
C PHE B 81 2.45 -9.38 -19.03
N ILE B 82 2.57 -10.01 -17.85
CA ILE B 82 2.80 -11.44 -17.77
C ILE B 82 1.87 -12.02 -16.75
N ASP B 83 1.07 -13.00 -17.17
CA ASP B 83 0.05 -13.58 -16.33
C ASP B 83 0.35 -15.04 -15.98
N GLU B 84 -0.33 -15.53 -14.93
CA GLU B 84 -0.15 -16.88 -14.43
C GLU B 84 1.32 -17.21 -14.23
N VAL B 85 2.08 -16.31 -13.58
CA VAL B 85 3.53 -16.48 -13.50
C VAL B 85 4.00 -17.65 -12.65
N GLN B 86 3.10 -18.24 -11.88
CA GLN B 86 3.47 -19.38 -11.04
C GLN B 86 3.77 -20.62 -11.85
N PHE B 87 3.32 -20.63 -13.12
CA PHE B 87 3.61 -21.73 -14.07
C PHE B 87 4.87 -21.60 -14.94
N PHE B 88 5.47 -20.42 -15.02
CA PHE B 88 6.77 -20.26 -15.67
C PHE B 88 7.93 -20.83 -14.87
N ASN B 89 8.97 -21.27 -15.59
CA ASN B 89 10.28 -21.59 -15.02
C ASN B 89 10.79 -20.37 -14.22
N PRO B 90 11.53 -20.63 -13.11
CA PRO B 90 12.19 -19.59 -12.29
C PRO B 90 13.15 -18.71 -13.09
N SER B 91 13.60 -19.21 -14.23
CA SER B 91 14.39 -18.43 -15.19
C SER B 91 13.72 -17.09 -15.57
N LEU B 92 12.40 -16.98 -15.40
CA LEU B 92 11.69 -15.69 -15.65
C LEU B 92 12.21 -14.50 -14.86
N PHE B 93 12.79 -14.76 -13.68
CA PHE B 93 13.37 -13.72 -12.83
C PHE B 93 14.44 -12.89 -13.56
N GLU B 94 15.39 -13.59 -14.18
CA GLU B 94 16.47 -12.92 -14.92
C GLU B 94 15.98 -12.35 -16.26
N VAL B 95 14.97 -12.94 -16.86
CA VAL B 95 14.39 -12.36 -18.07
C VAL B 95 13.74 -11.00 -17.71
N VAL B 96 13.03 -10.97 -16.60
CA VAL B 96 12.37 -9.75 -16.12
C VAL B 96 13.37 -8.68 -15.70
N LYS B 97 14.46 -9.10 -15.07
CA LYS B 97 15.56 -8.21 -14.68
C LYS B 97 16.14 -7.51 -15.89
N ASP B 98 16.43 -8.25 -16.95
CA ASP B 98 16.92 -7.68 -18.22
C ASP B 98 15.99 -6.68 -18.85
N LEU B 99 14.70 -6.98 -18.87
CA LEU B 99 13.70 -6.05 -19.39
C LEU B 99 13.67 -4.76 -18.63
N LEU B 100 13.82 -4.83 -17.29
CA LEU B 100 13.81 -3.63 -16.44
C LEU B 100 15.01 -2.81 -16.75
N ASP B 101 16.13 -3.51 -16.95
CA ASP B 101 17.43 -2.89 -17.22
C ASP B 101 17.43 -2.14 -18.54
N ARG B 102 16.55 -2.54 -19.47
CA ARG B 102 16.40 -1.86 -20.76
C ARG B 102 15.26 -0.84 -20.82
N GLY B 103 14.77 -0.41 -19.67
CA GLY B 103 13.80 0.68 -19.62
C GLY B 103 12.34 0.27 -19.80
N ILE B 104 12.09 -1.03 -19.82
CA ILE B 104 10.74 -1.58 -20.00
C ILE B 104 10.06 -1.83 -18.63
N ASP B 105 8.84 -1.29 -18.46
CA ASP B 105 8.06 -1.57 -17.23
C ASP B 105 7.42 -2.95 -17.33
N VAL B 106 7.41 -3.67 -16.20
CA VAL B 106 6.87 -5.02 -16.18
C VAL B 106 5.84 -5.16 -15.07
N PHE B 107 4.70 -5.72 -15.44
CA PHE B 107 3.64 -6.09 -14.49
C PHE B 107 3.43 -7.59 -14.59
N CYS B 108 3.59 -8.30 -13.46
CA CYS B 108 3.35 -9.75 -13.41
C CYS B 108 2.21 -10.05 -12.44
N ALA B 109 1.37 -11.02 -12.79
CA ALA B 109 0.27 -11.47 -11.93
C ALA B 109 0.34 -12.98 -11.80
N GLY B 110 0.20 -13.51 -10.59
CA GLY B 110 0.29 -14.94 -10.37
C GLY B 110 0.01 -15.29 -8.92
N LEU B 111 -0.21 -16.58 -8.67
CA LEU B 111 -0.52 -17.07 -7.35
C LEU B 111 0.76 -17.07 -6.51
N ASP B 112 0.66 -16.51 -5.30
CA ASP B 112 1.72 -16.55 -4.31
C ASP B 112 1.87 -17.94 -3.64
N LEU B 113 0.75 -18.56 -3.25
CA LEU B 113 0.77 -19.87 -2.56
C LEU B 113 -0.02 -20.95 -3.27
N THR B 114 0.48 -22.19 -3.22
CA THR B 114 -0.23 -23.33 -3.79
C THR B 114 -1.40 -23.64 -2.85
N HIS B 115 -2.18 -24.67 -3.16
CA HIS B 115 -3.33 -24.98 -2.34
C HIS B 115 -2.95 -25.74 -1.05
N LYS B 116 -1.65 -25.99 -0.87
CA LYS B 116 -1.19 -26.63 0.36
C LYS B 116 -0.41 -25.60 1.15
N GLN B 117 -0.48 -24.35 0.68
CA GLN B 117 0.16 -23.21 1.32
C GLN B 117 1.67 -23.35 1.31
N ASN B 118 2.21 -23.91 0.23
CA ASN B 118 3.64 -23.86 -0.05
C ASN B 118 3.86 -22.73 -1.05
N PRO B 119 5.04 -22.10 -1.01
CA PRO B 119 5.27 -21.02 -1.97
C PRO B 119 5.33 -21.52 -3.42
N PHE B 120 4.79 -20.74 -4.35
CA PHE B 120 5.08 -20.93 -5.76
C PHE B 120 6.38 -20.18 -6.02
N GLU B 121 7.43 -20.92 -6.40
CA GLU B 121 8.81 -20.42 -6.40
C GLU B 121 8.99 -19.19 -7.30
N THR B 122 8.41 -19.27 -8.50
CA THR B 122 8.58 -18.22 -9.50
C THR B 122 7.97 -16.91 -8.99
N THR B 123 6.75 -16.97 -8.45
CA THR B 123 6.17 -15.74 -7.88
C THR B 123 7.04 -15.20 -6.70
N ALA B 124 7.48 -16.10 -5.79
CA ALA B 124 8.29 -15.67 -4.65
C ALA B 124 9.48 -14.80 -5.10
N LEU B 125 10.15 -15.23 -6.16
CA LEU B 125 11.37 -14.55 -6.63
C LEU B 125 11.03 -13.20 -7.27
N LEU B 126 9.91 -13.14 -7.96
CA LEU B 126 9.51 -11.89 -8.56
C LEU B 126 9.07 -10.94 -7.47
N LEU B 127 8.46 -11.45 -6.40
CA LEU B 127 8.12 -10.60 -5.23
C LEU B 127 9.37 -9.95 -4.65
N SER B 128 10.47 -10.71 -4.63
CA SER B 128 11.78 -10.16 -4.24
C SER B 128 12.27 -9.01 -5.13
N LEU B 129 12.08 -9.14 -6.46
CA LEU B 129 12.56 -8.17 -7.46
C LEU B 129 11.65 -6.94 -7.56
N ALA B 130 10.38 -7.13 -7.25
CA ALA B 130 9.36 -6.10 -7.44
C ALA B 130 9.77 -4.78 -6.82
N ASP B 131 9.38 -3.67 -7.48
CA ASP B 131 9.39 -2.36 -6.87
C ASP B 131 8.08 -2.14 -6.09
N THR B 132 6.99 -2.65 -6.63
CA THR B 132 5.68 -2.55 -6.01
C THR B 132 5.00 -3.91 -5.94
N VAL B 133 4.35 -4.21 -4.82
CA VAL B 133 3.60 -5.45 -4.65
C VAL B 133 2.16 -5.09 -4.35
N ILE B 134 1.27 -5.74 -5.08
CA ILE B 134 -0.17 -5.67 -4.84
C ILE B 134 -0.72 -7.05 -4.39
N LYS B 135 -1.21 -7.10 -3.16
CA LYS B 135 -1.85 -8.32 -2.67
C LYS B 135 -3.35 -8.16 -2.83
N LYS B 136 -3.95 -9.11 -3.53
CA LYS B 136 -5.38 -9.09 -3.80
C LYS B 136 -6.08 -10.06 -2.86
N LYS B 137 -7.30 -9.72 -2.44
CA LYS B 137 -8.15 -10.60 -1.59
C LYS B 137 -9.38 -11.06 -2.37
N ALA B 138 -9.89 -12.24 -2.04
CA ALA B 138 -11.15 -12.74 -2.62
C ALA B 138 -12.24 -12.73 -1.55
N VAL B 139 -13.49 -12.92 -1.94
CA VAL B 139 -14.56 -13.17 -0.96
C VAL B 139 -14.36 -14.64 -0.54
N CYS B 140 -14.33 -14.88 0.78
CA CYS B 140 -14.19 -16.22 1.38
C CYS B 140 -15.39 -17.07 1.11
N HIS B 141 -15.15 -18.18 0.41
CA HIS B 141 -16.16 -19.13 0.01
C HIS B 141 -16.98 -19.65 1.17
N ARG B 142 -16.38 -19.73 2.37
CA ARG B 142 -17.08 -20.33 3.50
C ARG B 142 -17.84 -19.31 4.32
N CYS B 143 -17.18 -18.23 4.76
CA CYS B 143 -17.79 -17.28 5.69
C CYS B 143 -18.23 -16.01 5.03
N GLY B 144 -18.21 -15.97 3.70
CA GLY B 144 -18.69 -14.82 2.90
C GLY B 144 -18.05 -13.44 3.02
N GLU B 145 -16.96 -13.31 3.79
CA GLU B 145 -16.25 -12.03 4.01
C GLU B 145 -15.26 -11.72 2.90
N TYR B 146 -14.94 -10.41 2.72
CA TYR B 146 -13.84 -9.95 1.84
C TYR B 146 -12.50 -10.05 2.54
N ASN B 147 -12.03 -11.28 2.67
CA ASN B 147 -10.85 -11.50 3.48
C ASN B 147 -10.12 -12.76 3.07
N ALA B 148 -10.42 -13.30 1.90
CA ALA B 148 -9.78 -14.55 1.50
C ALA B 148 -8.37 -14.31 0.95
N THR B 149 -7.38 -15.02 1.50
CA THR B 149 -5.96 -14.84 1.16
C THR B 149 -5.35 -16.14 0.64
N LEU B 150 -6.11 -17.22 0.83
CA LEU B 150 -5.65 -18.59 0.54
C LEU B 150 -6.51 -19.36 -0.48
N THR B 151 -5.95 -20.41 -1.07
CA THR B 151 -6.65 -21.31 -2.01
C THR B 151 -6.72 -22.73 -1.41
N LEU B 152 -7.84 -23.41 -1.65
CA LEU B 152 -8.12 -24.71 -1.05
C LEU B 152 -8.74 -25.65 -2.08
N LYS B 153 -8.18 -26.85 -2.21
CA LYS B 153 -8.74 -27.90 -3.06
C LYS B 153 -9.81 -28.64 -2.25
N VAL B 154 -11.03 -28.69 -2.78
CA VAL B 154 -12.18 -29.27 -2.09
C VAL B 154 -12.93 -30.29 -2.96
N GLU B 167 -13.03 -32.87 -7.97
CA GLU B 167 -12.32 -31.85 -7.20
C GLU B 167 -12.41 -30.45 -7.78
N LYS B 168 -12.55 -29.45 -6.91
CA LYS B 168 -12.53 -28.02 -7.32
C LYS B 168 -11.60 -27.21 -6.41
N TYR B 169 -11.30 -25.97 -6.78
CA TYR B 169 -10.56 -25.03 -5.92
C TYR B 169 -11.48 -23.92 -5.42
N ILE B 170 -11.30 -23.49 -4.18
CA ILE B 170 -12.03 -22.35 -3.65
C ILE B 170 -11.07 -21.36 -2.96
N ALA B 171 -11.53 -20.12 -2.77
CA ALA B 171 -10.80 -19.10 -2.01
C ALA B 171 -11.38 -18.98 -0.60
N VAL B 172 -10.51 -18.87 0.39
CA VAL B 172 -10.88 -18.85 1.83
C VAL B 172 -9.93 -17.96 2.65
N CYS B 173 -10.41 -17.49 3.80
CA CYS B 173 -9.53 -16.86 4.78
C CYS B 173 -8.77 -17.96 5.51
N ARG B 174 -7.72 -17.58 6.24
CA ARG B 174 -6.89 -18.52 7.01
C ARG B 174 -7.74 -19.30 8.00
N ASP B 175 -8.70 -18.63 8.63
CA ASP B 175 -9.52 -19.28 9.65
C ASP B 175 -10.39 -20.37 9.03
N CYS B 176 -10.95 -20.08 7.85
CA CYS B 176 -11.78 -21.08 7.19
C CYS B 176 -10.96 -22.20 6.64
N TYR B 177 -9.79 -21.88 6.09
CA TYR B 177 -8.87 -22.92 5.63
C TYR B 177 -8.63 -23.94 6.74
N ASN B 178 -8.23 -23.46 7.91
CA ASN B 178 -7.94 -24.32 9.07
C ASN B 178 -9.16 -25.06 9.67
N THR B 179 -10.35 -24.48 9.51
CA THR B 179 -11.62 -25.15 9.86
C THR B 179 -11.93 -26.33 8.91
N LEU B 180 -11.59 -26.17 7.62
CA LEU B 180 -11.89 -27.19 6.61
C LEU B 180 -10.74 -28.12 6.28
N LYS B 181 -9.52 -27.71 6.62
CA LYS B 181 -8.33 -28.54 6.45
C LYS B 181 -7.52 -28.19 5.22
N SER C 2 -18.10 -4.40 11.08
CA SER C 2 -18.22 -3.09 10.39
C SER C 2 -17.78 -3.31 8.94
N GLY C 3 -18.29 -2.49 8.02
CA GLY C 3 -17.83 -2.52 6.67
C GLY C 3 -16.59 -1.68 6.56
N LYS C 4 -15.80 -1.94 5.53
CA LYS C 4 -14.61 -1.16 5.29
C LYS C 4 -14.79 -0.19 4.10
N LEU C 5 -14.11 0.95 4.12
CA LEU C 5 -14.12 1.89 3.01
C LEU C 5 -12.76 1.94 2.29
N THR C 6 -12.80 1.62 0.98
CA THR C 6 -11.74 1.80 0.03
C THR C 6 -11.98 2.98 -0.92
N VAL C 7 -11.00 3.89 -1.05
CA VAL C 7 -11.13 4.98 -2.01
C VAL C 7 -9.99 4.86 -3.03
N ILE C 8 -10.39 4.82 -4.28
CA ILE C 8 -9.53 4.78 -5.42
C ILE C 8 -9.41 6.18 -6.02
N THR C 9 -8.22 6.74 -6.14
CA THR C 9 -8.19 8.12 -6.66
C THR C 9 -6.97 8.38 -7.53
N GLY C 10 -6.93 9.52 -8.20
CA GLY C 10 -5.88 9.80 -9.18
C GLY C 10 -6.45 10.74 -10.22
N PRO C 11 -5.69 11.03 -11.28
CA PRO C 11 -6.13 11.89 -12.37
C PRO C 11 -7.05 11.15 -13.36
N MET C 12 -7.55 11.87 -14.36
CA MET C 12 -8.31 11.25 -15.45
C MET C 12 -7.41 10.27 -16.17
N TYR C 13 -7.98 9.16 -16.64
CA TYR C 13 -7.29 8.13 -17.44
C TYR C 13 -6.29 7.32 -16.64
N SER C 14 -6.48 7.23 -15.33
CA SER C 14 -5.60 6.46 -14.48
C SER C 14 -6.13 5.06 -14.20
N GLY C 15 -7.29 4.72 -14.76
CA GLY C 15 -7.85 3.37 -14.56
C GLY C 15 -8.77 3.26 -13.33
N LYS C 16 -9.36 4.37 -12.91
CA LYS C 16 -10.13 4.39 -11.66
C LYS C 16 -11.40 3.56 -11.76
N THR C 17 -12.11 3.70 -12.87
CA THR C 17 -13.39 3.06 -12.94
C THR C 17 -13.22 1.58 -13.21
N THR C 18 -12.17 1.21 -13.94
CA THR C 18 -11.90 -0.20 -14.21
C THR C 18 -11.37 -0.96 -12.96
N GLU C 19 -10.67 -0.24 -12.08
CA GLU C 19 -10.33 -0.70 -10.74
C GLU C 19 -11.61 -0.95 -9.93
N LEU C 20 -12.51 0.04 -9.91
CA LEU C 20 -13.80 -0.07 -9.24
C LEU C 20 -14.55 -1.33 -9.66
N LEU C 21 -14.81 -1.47 -10.96
CA LEU C 21 -15.55 -2.66 -11.41
C LEU C 21 -14.79 -3.98 -11.31
N SER C 22 -13.48 -3.92 -11.09
CA SER C 22 -12.65 -5.07 -10.67
C SER C 22 -13.13 -5.67 -9.36
N PHE C 23 -13.20 -4.85 -8.29
CA PHE C 23 -13.83 -5.22 -7.02
C PHE C 23 -15.29 -5.63 -7.17
N VAL C 24 -16.06 -4.90 -8.00
CA VAL C 24 -17.43 -5.33 -8.28
C VAL C 24 -17.38 -6.80 -8.69
N GLU C 25 -16.57 -7.12 -9.68
CA GLU C 25 -16.39 -8.53 -10.13
C GLU C 25 -16.03 -9.58 -9.05
N ILE C 26 -15.14 -9.23 -8.12
CA ILE C 26 -14.73 -10.13 -7.03
C ILE C 26 -15.90 -10.46 -6.08
N TYR C 27 -16.74 -9.46 -5.85
CA TYR C 27 -17.91 -9.58 -4.98
C TYR C 27 -18.96 -10.44 -5.64
N LYS C 28 -19.25 -10.16 -6.91
CA LYS C 28 -20.20 -10.96 -7.69
C LYS C 28 -19.77 -12.42 -7.76
N LEU C 29 -18.47 -12.65 -7.98
CA LEU C 29 -17.89 -13.99 -8.01
C LEU C 29 -18.07 -14.73 -6.70
N GLY C 30 -17.91 -14.01 -5.59
CA GLY C 30 -18.13 -14.57 -4.25
C GLY C 30 -19.60 -14.64 -3.87
N LYS C 31 -20.46 -14.17 -4.78
CA LYS C 31 -21.91 -14.21 -4.64
C LYS C 31 -22.42 -13.30 -3.50
N LYS C 32 -21.74 -12.17 -3.33
CA LYS C 32 -22.25 -11.13 -2.45
C LYS C 32 -23.14 -10.21 -3.30
N LYS C 33 -24.25 -9.76 -2.71
CA LYS C 33 -25.15 -8.81 -3.38
C LYS C 33 -24.49 -7.43 -3.38
N VAL C 34 -24.55 -6.76 -4.53
CA VAL C 34 -23.88 -5.47 -4.75
C VAL C 34 -24.89 -4.41 -5.23
N ALA C 35 -24.62 -3.15 -4.93
CA ALA C 35 -25.31 -2.03 -5.54
C ALA C 35 -24.27 -1.06 -6.08
N VAL C 36 -24.41 -0.67 -7.35
CA VAL C 36 -23.45 0.17 -8.06
C VAL C 36 -24.14 1.48 -8.49
N PHE C 37 -23.46 2.62 -8.25
CA PHE C 37 -24.02 3.96 -8.49
C PHE C 37 -23.07 4.87 -9.26
N LYS C 38 -23.61 5.71 -10.14
CA LYS C 38 -22.83 6.82 -10.76
C LYS C 38 -23.64 8.11 -10.77
N PRO C 39 -22.96 9.28 -10.85
CA PRO C 39 -23.75 10.50 -10.75
C PRO C 39 -24.44 10.90 -12.06
N GLU C 59 -23.56 -2.24 -14.78
CA GLU C 59 -24.94 -1.75 -14.70
C GLU C 59 -25.19 -0.91 -13.42
N ALA C 60 -25.23 0.40 -13.58
CA ALA C 60 -25.21 1.35 -12.45
C ALA C 60 -26.48 2.15 -12.39
N HIS C 61 -26.91 2.48 -11.18
CA HIS C 61 -28.04 3.38 -11.02
C HIS C 61 -27.49 4.78 -11.05
N VAL C 62 -28.06 5.58 -11.96
CA VAL C 62 -27.66 6.96 -12.14
C VAL C 62 -28.53 7.83 -11.25
N ILE C 63 -27.91 8.44 -10.25
CA ILE C 63 -28.61 9.16 -9.17
C ILE C 63 -28.16 10.63 -9.01
N GLU C 64 -29.05 11.49 -8.52
CA GLU C 64 -28.68 12.88 -8.36
C GLU C 64 -28.11 13.18 -6.97
N ARG C 65 -28.67 12.53 -5.97
CA ARG C 65 -28.35 12.80 -4.58
C ARG C 65 -27.93 11.50 -3.92
N PRO C 66 -26.99 11.55 -2.94
CA PRO C 66 -26.61 10.36 -2.15
C PRO C 66 -27.78 9.68 -1.40
N GLU C 67 -28.85 10.42 -1.14
CA GLU C 67 -29.98 9.92 -0.40
C GLU C 67 -30.84 8.96 -1.25
N GLU C 68 -30.56 8.93 -2.55
CA GLU C 68 -31.24 8.08 -3.50
C GLU C 68 -30.73 6.63 -3.48
N MET C 69 -29.58 6.40 -2.84
CA MET C 69 -28.98 5.06 -2.76
C MET C 69 -29.79 4.04 -1.96
N ARG C 70 -30.41 4.50 -0.87
CA ARG C 70 -31.16 3.65 0.07
C ARG C 70 -32.22 2.79 -0.63
N LYS C 71 -32.85 3.40 -1.63
CA LYS C 71 -33.89 2.81 -2.45
C LYS C 71 -33.41 1.59 -3.24
N TYR C 72 -32.10 1.53 -3.53
CA TYR C 72 -31.46 0.42 -4.28
C TYR C 72 -30.55 -0.46 -3.45
N ILE C 73 -30.57 -0.23 -2.13
CA ILE C 73 -29.82 -1.01 -1.16
C ILE C 73 -30.81 -1.86 -0.35
N GLU C 74 -30.59 -3.17 -0.38
CA GLU C 74 -31.42 -4.14 0.34
C GLU C 74 -30.78 -4.59 1.65
N GLU C 75 -31.60 -5.20 2.52
CA GLU C 75 -31.10 -5.80 3.78
C GLU C 75 -29.92 -6.74 3.52
N ASP C 76 -29.98 -7.33 2.34
CA ASP C 76 -29.08 -8.31 1.83
C ASP C 76 -27.73 -7.78 1.29
N THR C 77 -27.69 -6.52 0.87
CA THR C 77 -26.49 -5.94 0.22
C THR C 77 -25.26 -5.90 1.13
N ARG C 78 -24.14 -6.41 0.63
CA ARG C 78 -22.90 -6.37 1.39
C ARG C 78 -21.81 -5.53 0.73
N GLY C 79 -22.06 -5.06 -0.50
CA GLY C 79 -21.13 -4.16 -1.19
C GLY C 79 -21.83 -3.06 -1.96
N VAL C 80 -21.40 -1.82 -1.74
CA VAL C 80 -21.85 -0.63 -2.46
C VAL C 80 -20.64 0.05 -3.15
N PHE C 81 -20.84 0.35 -4.44
CA PHE C 81 -19.75 0.78 -5.33
C PHE C 81 -20.18 2.12 -5.92
N ILE C 82 -19.33 3.13 -5.79
CA ILE C 82 -19.68 4.47 -6.26
C ILE C 82 -18.63 5.10 -7.17
N ASP C 83 -19.05 5.51 -8.37
CA ASP C 83 -18.15 6.05 -9.39
C ASP C 83 -18.28 7.54 -9.50
N GLU C 84 -17.18 8.20 -9.88
CA GLU C 84 -17.13 9.66 -10.00
C GLU C 84 -17.70 10.43 -8.81
N VAL C 85 -17.27 10.02 -7.61
CA VAL C 85 -17.78 10.64 -6.37
C VAL C 85 -17.51 12.13 -6.23
N GLN C 86 -16.57 12.70 -6.99
CA GLN C 86 -16.29 14.15 -6.90
C GLN C 86 -17.51 14.97 -7.23
N PHE C 87 -18.42 14.37 -8.01
CA PHE C 87 -19.63 15.04 -8.47
C PHE C 87 -20.81 14.97 -7.50
N PHE C 88 -20.77 14.05 -6.52
CA PHE C 88 -21.80 13.98 -5.49
C PHE C 88 -21.65 15.08 -4.46
N ASN C 89 -22.74 15.38 -3.79
CA ASN C 89 -22.73 16.33 -2.70
C ASN C 89 -21.96 15.74 -1.52
N PRO C 90 -21.38 16.61 -0.66
CA PRO C 90 -20.55 16.08 0.42
C PRO C 90 -21.33 15.30 1.47
N SER C 91 -22.67 15.38 1.40
CA SER C 91 -23.53 14.58 2.28
C SER C 91 -23.27 13.07 2.13
N LEU C 92 -22.58 12.70 1.06
CA LEU C 92 -22.19 11.29 0.85
C LEU C 92 -21.26 10.79 1.95
N PHE C 93 -20.44 11.68 2.52
CA PHE C 93 -19.70 11.40 3.77
C PHE C 93 -20.57 10.65 4.79
N GLU C 94 -21.68 11.26 5.19
CA GLU C 94 -22.55 10.68 6.22
C GLU C 94 -23.26 9.42 5.79
N VAL C 95 -23.71 9.35 4.52
CA VAL C 95 -24.38 8.15 4.06
C VAL C 95 -23.45 6.94 3.97
N VAL C 96 -22.19 7.19 3.61
CA VAL C 96 -21.15 6.11 3.60
C VAL C 96 -20.74 5.68 5.04
N LYS C 97 -20.59 6.63 5.95
CA LYS C 97 -20.25 6.27 7.32
C LYS C 97 -21.36 5.39 7.87
N ASP C 98 -22.60 5.70 7.50
CA ASP C 98 -23.74 4.88 7.91
C ASP C 98 -23.75 3.43 7.37
N LEU C 99 -23.40 3.25 6.10
CA LEU C 99 -23.30 1.92 5.48
C LEU C 99 -22.19 1.10 6.12
N LEU C 100 -21.10 1.78 6.44
CA LEU C 100 -19.97 1.18 7.12
C LEU C 100 -20.43 0.62 8.49
N ASP C 101 -21.19 1.45 9.21
CA ASP C 101 -21.71 1.14 10.54
C ASP C 101 -22.67 -0.05 10.53
N ARG C 102 -23.40 -0.23 9.41
CA ARG C 102 -24.28 -1.37 9.20
C ARG C 102 -23.56 -2.61 8.70
N GLY C 103 -22.24 -2.55 8.56
CA GLY C 103 -21.44 -3.68 8.05
C GLY C 103 -21.40 -3.83 6.54
N ILE C 104 -21.69 -2.75 5.81
CA ILE C 104 -21.64 -2.79 4.35
C ILE C 104 -20.30 -2.25 3.89
N ASP C 105 -19.57 -3.05 3.11
CA ASP C 105 -18.32 -2.56 2.47
C ASP C 105 -18.66 -1.54 1.38
N VAL C 106 -17.85 -0.48 1.32
CA VAL C 106 -18.05 0.60 0.34
C VAL C 106 -16.74 0.88 -0.44
N PHE C 107 -16.86 0.94 -1.78
CA PHE C 107 -15.76 1.27 -2.69
C PHE C 107 -16.16 2.48 -3.50
N CYS C 108 -15.30 3.50 -3.51
CA CYS C 108 -15.58 4.77 -4.19
C CYS C 108 -14.40 5.11 -5.07
N ALA C 109 -14.68 5.55 -6.31
CA ALA C 109 -13.65 5.98 -7.26
C ALA C 109 -13.91 7.42 -7.64
N GLY C 110 -12.89 8.26 -7.61
CA GLY C 110 -13.09 9.61 -8.10
C GLY C 110 -11.81 10.38 -8.20
N LEU C 111 -11.90 11.56 -8.82
CA LEU C 111 -10.75 12.47 -8.97
C LEU C 111 -10.39 13.15 -7.65
N ASP C 112 -9.10 13.19 -7.30
CA ASP C 112 -8.68 13.86 -6.06
C ASP C 112 -8.54 15.37 -6.21
N LEU C 113 -8.10 15.77 -7.41
CA LEU C 113 -7.83 17.16 -7.70
C LEU C 113 -8.42 17.63 -9.03
N THR C 114 -8.91 18.87 -9.04
CA THR C 114 -9.39 19.54 -10.24
C THR C 114 -8.21 19.81 -11.20
N HIS C 115 -8.53 20.28 -12.41
CA HIS C 115 -7.51 20.62 -13.39
C HIS C 115 -6.67 21.83 -12.97
N LYS C 116 -7.12 22.58 -11.97
CA LYS C 116 -6.36 23.72 -11.46
C LYS C 116 -5.67 23.29 -10.18
N GLN C 117 -5.69 21.98 -9.90
CA GLN C 117 -5.10 21.40 -8.71
C GLN C 117 -5.71 21.88 -7.40
N ASN C 118 -7.03 22.03 -7.36
CA ASN C 118 -7.70 22.22 -6.09
C ASN C 118 -8.37 20.90 -5.69
N PRO C 119 -8.44 20.59 -4.38
CA PRO C 119 -9.15 19.33 -4.04
C PRO C 119 -10.62 19.33 -4.43
N PHE C 120 -11.12 18.16 -4.81
CA PHE C 120 -12.56 17.92 -4.88
C PHE C 120 -12.99 17.58 -3.46
N GLU C 121 -13.99 18.29 -2.93
CA GLU C 121 -14.29 18.25 -1.52
C GLU C 121 -14.80 16.92 -1.05
N THR C 122 -15.65 16.32 -1.87
CA THR C 122 -16.31 15.06 -1.53
C THR C 122 -15.31 13.92 -1.55
N THR C 123 -14.36 13.98 -2.46
CA THR C 123 -13.30 12.97 -2.49
C THR C 123 -12.40 13.17 -1.27
N ALA C 124 -12.06 14.41 -0.96
CA ALA C 124 -11.21 14.71 0.22
C ALA C 124 -11.81 14.10 1.49
N LEU C 125 -13.08 14.40 1.74
CA LEU C 125 -13.80 13.91 2.92
C LEU C 125 -13.82 12.41 2.99
N LEU C 126 -14.11 11.79 1.85
CA LEU C 126 -13.99 10.31 1.76
C LEU C 126 -12.58 9.75 1.98
N LEU C 127 -11.56 10.51 1.56
CA LEU C 127 -10.18 10.07 1.80
C LEU C 127 -9.82 10.04 3.30
N SER C 128 -10.42 10.95 4.06
CA SER C 128 -10.19 11.07 5.50
C SER C 128 -10.82 9.90 6.21
N LEU C 129 -11.93 9.39 5.64
CA LEU C 129 -12.73 8.31 6.24
C LEU C 129 -12.24 6.94 5.85
N ALA C 130 -11.50 6.86 4.74
CA ALA C 130 -11.13 5.57 4.14
C ALA C 130 -10.30 4.74 5.09
N ASP C 131 -10.53 3.44 5.04
CA ASP C 131 -9.68 2.44 5.65
C ASP C 131 -8.47 2.18 4.74
N THR C 132 -8.74 2.12 3.43
CA THR C 132 -7.75 1.90 2.37
C THR C 132 -7.79 2.96 1.25
N VAL C 133 -6.63 3.49 0.88
CA VAL C 133 -6.55 4.49 -0.19
C VAL C 133 -5.74 3.87 -1.34
N ILE C 134 -6.32 3.89 -2.55
CA ILE C 134 -5.57 3.55 -3.74
C ILE C 134 -5.33 4.81 -4.59
N LYS C 135 -4.08 5.19 -4.77
CA LYS C 135 -3.75 6.27 -5.68
C LYS C 135 -3.32 5.65 -7.01
N LYS C 136 -4.04 5.96 -8.07
CA LYS C 136 -3.75 5.46 -9.44
C LYS C 136 -2.97 6.50 -10.28
N LYS C 137 -2.08 6.01 -11.14
CA LYS C 137 -1.30 6.87 -12.01
C LYS C 137 -1.80 6.68 -13.44
N ALA C 138 -1.58 7.69 -14.27
CA ALA C 138 -1.85 7.54 -15.68
C ALA C 138 -0.53 7.62 -16.47
N VAL C 139 -0.58 7.30 -17.76
CA VAL C 139 0.53 7.66 -18.64
C VAL C 139 0.52 9.18 -18.85
N CYS C 140 1.68 9.83 -18.77
CA CYS C 140 1.75 11.29 -18.99
C CYS C 140 1.61 11.62 -20.48
N HIS C 141 0.63 12.46 -20.80
CA HIS C 141 0.34 12.79 -22.19
C HIS C 141 1.54 13.47 -22.88
N ARG C 142 2.35 14.24 -22.15
CA ARG C 142 3.51 14.91 -22.76
C ARG C 142 4.75 14.04 -22.89
N CYS C 143 5.24 13.51 -21.77
CA CYS C 143 6.52 12.80 -21.74
C CYS C 143 6.43 11.31 -21.94
N GLY C 144 5.23 10.74 -21.83
CA GLY C 144 5.05 9.30 -22.06
C GLY C 144 5.34 8.32 -20.93
N GLU C 145 5.78 8.80 -19.77
CA GLU C 145 6.11 7.90 -18.65
C GLU C 145 4.84 7.49 -17.91
N TYR C 146 4.88 6.34 -17.23
CA TYR C 146 3.80 5.97 -16.31
C TYR C 146 4.07 6.67 -14.97
N ASN C 147 3.78 7.98 -14.91
CA ASN C 147 4.12 8.79 -13.74
C ASN C 147 3.21 10.00 -13.55
N ALA C 148 2.08 10.00 -14.25
CA ALA C 148 1.15 11.13 -14.25
C ALA C 148 0.17 11.09 -13.08
N THR C 149 0.06 12.20 -12.36
CA THR C 149 -0.73 12.27 -11.15
C THR C 149 -1.80 13.38 -11.22
N LEU C 150 -1.74 14.19 -12.30
CA LEU C 150 -2.53 15.40 -12.42
C LEU C 150 -3.34 15.43 -13.71
N THR C 151 -4.34 16.31 -13.73
CA THR C 151 -5.26 16.45 -14.86
C THR C 151 -5.06 17.90 -15.33
N LEU C 152 -4.90 18.09 -16.64
CA LEU C 152 -4.68 19.44 -17.19
C LEU C 152 -5.67 19.73 -18.30
N LYS C 153 -6.23 20.94 -18.27
CA LYS C 153 -7.26 21.34 -19.22
C LYS C 153 -6.68 21.81 -20.54
N VAL C 154 -7.30 21.30 -21.61
CA VAL C 154 -7.00 21.59 -23.04
C VAL C 154 -5.70 21.03 -23.57
N LYS C 168 -11.32 19.40 -23.78
CA LYS C 168 -10.52 18.18 -23.73
C LYS C 168 -9.64 18.19 -22.49
N TYR C 169 -9.42 17.01 -21.92
CA TYR C 169 -8.55 16.89 -20.76
C TYR C 169 -7.42 15.92 -20.98
N ILE C 170 -6.32 16.20 -20.29
CA ILE C 170 -5.11 15.42 -20.42
C ILE C 170 -4.56 15.05 -19.03
N ALA C 171 -3.92 13.90 -18.93
CA ALA C 171 -3.23 13.49 -17.71
C ALA C 171 -1.74 13.74 -17.88
N VAL C 172 -1.15 14.38 -16.88
CA VAL C 172 0.25 14.76 -16.93
C VAL C 172 0.92 14.52 -15.57
N CYS C 173 2.25 14.42 -15.58
CA CYS C 173 3.03 14.38 -14.37
C CYS C 173 3.18 15.81 -13.88
N ARG C 174 3.75 15.98 -12.67
CA ARG C 174 3.87 17.33 -12.09
C ARG C 174 4.79 18.24 -12.92
N ASP C 175 5.95 17.71 -13.29
CA ASP C 175 6.94 18.46 -14.08
C ASP C 175 6.36 18.92 -15.41
N CYS C 176 5.69 18.03 -16.15
CA CYS C 176 5.01 18.42 -17.40
C CYS C 176 3.85 19.40 -17.22
N TYR C 177 3.07 19.23 -16.16
CA TYR C 177 2.02 20.18 -15.81
C TYR C 177 2.61 21.60 -15.65
N ASN C 178 3.74 21.68 -14.97
CA ASN C 178 4.39 22.97 -14.71
C ASN C 178 5.00 23.62 -15.95
N THR C 179 5.45 22.81 -16.89
CA THR C 179 6.00 23.39 -18.11
C THR C 179 4.89 23.72 -19.15
N LEU C 180 3.70 23.12 -19.00
CA LEU C 180 2.60 23.37 -19.93
C LEU C 180 1.63 24.47 -19.47
N LYS C 181 1.79 24.88 -18.21
CA LYS C 181 0.97 25.96 -17.67
C LYS C 181 0.61 25.68 -16.23
N SER D 2 -7.24 -15.65 13.30
CA SER D 2 -5.89 -16.09 12.84
C SER D 2 -5.02 -14.84 12.84
N GLY D 3 -3.70 -14.99 12.91
CA GLY D 3 -2.83 -13.83 12.89
C GLY D 3 -2.56 -13.34 11.48
N LYS D 4 -2.08 -12.09 11.36
CA LYS D 4 -1.69 -11.50 10.06
C LYS D 4 -0.21 -11.32 9.91
N LEU D 5 0.33 -11.61 8.72
CA LEU D 5 1.73 -11.39 8.37
C LEU D 5 2.00 -10.12 7.52
N THR D 6 2.86 -9.26 8.04
CA THR D 6 3.39 -8.09 7.36
C THR D 6 4.89 -8.24 7.13
N VAL D 7 5.33 -8.00 5.88
CA VAL D 7 6.76 -8.12 5.51
C VAL D 7 7.20 -6.76 5.01
N ILE D 8 8.29 -6.25 5.57
CA ILE D 8 8.87 -5.00 5.17
C ILE D 8 10.16 -5.39 4.46
N THR D 9 10.37 -4.94 3.21
CA THR D 9 11.60 -5.24 2.47
C THR D 9 12.06 -4.06 1.66
N GLY D 10 13.34 -4.06 1.30
CA GLY D 10 14.01 -2.97 0.60
C GLY D 10 15.52 -3.26 0.73
N PRO D 11 16.36 -2.37 0.17
CA PRO D 11 17.82 -2.43 0.20
C PRO D 11 18.29 -2.03 1.58
N MET D 12 19.59 -2.11 1.83
CA MET D 12 20.19 -1.51 3.03
C MET D 12 19.87 -0.03 3.07
N TYR D 13 19.87 0.56 4.28
CA TYR D 13 19.61 1.99 4.52
C TYR D 13 18.26 2.50 4.03
N SER D 14 17.26 1.61 3.95
CA SER D 14 15.95 2.02 3.51
C SER D 14 14.95 2.13 4.67
N GLY D 15 15.48 2.15 5.89
CA GLY D 15 14.67 2.36 7.08
C GLY D 15 13.81 1.19 7.49
N LYS D 16 14.24 -0.05 7.23
CA LYS D 16 13.40 -1.23 7.50
C LYS D 16 13.28 -1.55 8.99
N THR D 17 14.42 -1.51 9.70
CA THR D 17 14.46 -1.75 11.12
C THR D 17 13.59 -0.74 11.85
N THR D 18 13.69 0.54 11.50
CA THR D 18 12.88 1.56 12.17
C THR D 18 11.38 1.39 11.92
N GLU D 19 11.03 0.97 10.71
CA GLU D 19 9.65 0.69 10.41
C GLU D 19 9.13 -0.46 11.29
N LEU D 20 9.96 -1.47 11.52
CA LEU D 20 9.60 -2.60 12.37
C LEU D 20 9.30 -2.18 13.82
N LEU D 21 10.09 -1.22 14.32
CA LEU D 21 9.92 -0.70 15.69
C LEU D 21 8.70 0.20 15.77
N SER D 22 8.38 0.87 14.67
CA SER D 22 7.12 1.58 14.57
C SER D 22 5.91 0.65 14.84
N PHE D 23 6.06 -0.64 14.50
CA PHE D 23 5.01 -1.63 14.74
C PHE D 23 5.10 -2.20 16.17
N VAL D 24 6.31 -2.40 16.67
CA VAL D 24 6.50 -2.87 18.07
C VAL D 24 5.84 -1.90 19.06
N GLU D 25 6.11 -0.63 18.86
CA GLU D 25 5.65 0.42 19.76
C GLU D 25 4.12 0.57 19.78
N ILE D 26 3.47 0.33 18.65
CA ILE D 26 2.01 0.37 18.67
C ILE D 26 1.41 -0.79 19.47
N TYR D 27 2.06 -1.96 19.45
CA TYR D 27 1.58 -3.05 20.29
C TYR D 27 1.88 -2.79 21.74
N LYS D 28 3.05 -2.17 22.00
CA LYS D 28 3.46 -1.79 23.34
C LYS D 28 2.52 -0.74 23.98
N LEU D 29 2.28 0.38 23.29
CA LEU D 29 1.26 1.35 23.73
C LEU D 29 -0.09 0.72 24.02
N GLY D 30 -0.46 -0.28 23.23
CA GLY D 30 -1.73 -0.99 23.36
C GLY D 30 -1.73 -2.08 24.42
N LYS D 31 -0.67 -2.16 25.23
CA LYS D 31 -0.53 -3.15 26.31
C LYS D 31 -0.65 -4.61 25.82
N LYS D 32 -0.03 -4.89 24.69
CA LYS D 32 0.00 -6.25 24.21
C LYS D 32 1.39 -6.78 24.42
N LYS D 33 1.46 -8.08 24.67
CA LYS D 33 2.73 -8.73 24.94
C LYS D 33 3.30 -9.15 23.60
N VAL D 34 4.54 -8.72 23.39
CA VAL D 34 5.31 -8.95 22.18
C VAL D 34 6.58 -9.79 22.41
N ALA D 35 7.09 -10.41 21.35
CA ALA D 35 8.41 -11.01 21.39
C ALA D 35 9.16 -10.50 20.16
N VAL D 36 10.40 -10.08 20.33
CA VAL D 36 11.18 -9.45 19.25
C VAL D 36 12.41 -10.34 19.05
N PHE D 37 12.76 -10.65 17.80
CA PHE D 37 13.91 -11.51 17.55
C PHE D 37 14.84 -10.93 16.50
N LYS D 38 16.10 -11.34 16.56
CA LYS D 38 17.03 -11.09 15.47
C LYS D 38 17.98 -12.29 15.31
N PRO D 39 18.62 -12.47 14.13
CA PRO D 39 19.46 -13.66 13.94
C PRO D 39 20.88 -13.52 14.49
N LYS D 40 21.52 -14.64 14.77
CA LYS D 40 22.88 -14.63 15.28
C LYS D 40 23.81 -14.53 14.07
N ILE D 41 24.13 -13.30 13.68
CA ILE D 41 25.14 -13.06 12.63
C ILE D 41 26.54 -13.37 13.15
N GLY D 57 8.60 -6.26 25.76
CA GLY D 57 9.51 -6.51 24.67
C GLY D 57 10.45 -5.33 24.37
N VAL D 58 11.51 -5.21 25.17
CA VAL D 58 12.58 -4.21 24.96
C VAL D 58 13.85 -4.88 24.47
N GLU D 59 14.02 -6.13 24.85
CA GLU D 59 15.12 -6.95 24.39
C GLU D 59 14.80 -7.45 22.99
N ALA D 60 15.79 -7.43 22.11
CA ALA D 60 15.75 -8.24 20.89
C ALA D 60 16.51 -9.56 21.13
N HIS D 61 15.77 -10.66 21.27
CA HIS D 61 16.40 -11.99 21.42
C HIS D 61 17.12 -12.44 20.18
N VAL D 62 18.43 -12.58 20.37
CA VAL D 62 19.30 -13.00 19.29
C VAL D 62 19.39 -14.50 19.34
N ILE D 63 18.90 -15.14 18.26
CA ILE D 63 18.76 -16.59 18.17
C ILE D 63 19.35 -17.09 16.85
N GLU D 64 19.87 -18.33 16.86
CA GLU D 64 20.39 -18.95 15.63
C GLU D 64 19.29 -19.50 14.72
N ARG D 65 18.37 -20.26 15.29
CA ARG D 65 17.44 -21.06 14.52
C ARG D 65 15.99 -20.60 14.78
N PRO D 66 15.16 -20.54 13.72
CA PRO D 66 13.76 -20.12 13.85
C PRO D 66 12.95 -20.90 14.88
N GLU D 67 13.34 -22.15 15.14
CA GLU D 67 12.64 -23.00 16.10
C GLU D 67 12.91 -22.59 17.55
N GLU D 68 13.92 -21.75 17.76
CA GLU D 68 14.26 -21.18 19.07
C GLU D 68 13.28 -20.14 19.62
N MET D 69 12.37 -19.67 18.76
CA MET D 69 11.39 -18.66 19.11
C MET D 69 10.38 -19.16 20.14
N ARG D 70 9.95 -20.42 19.99
CA ARG D 70 8.95 -21.05 20.88
C ARG D 70 9.23 -20.90 22.40
N LYS D 71 10.50 -20.86 22.77
CA LYS D 71 10.95 -20.70 24.17
C LYS D 71 10.80 -19.27 24.73
N TYR D 72 10.44 -18.31 23.88
CA TYR D 72 10.28 -16.92 24.32
C TYR D 72 8.85 -16.46 24.08
N ILE D 73 8.03 -17.35 23.55
CA ILE D 73 6.64 -17.05 23.26
C ILE D 73 5.78 -17.72 24.34
N GLU D 74 4.99 -16.88 25.02
CA GLU D 74 4.11 -17.31 26.10
C GLU D 74 2.69 -17.43 25.53
N GLU D 75 1.77 -18.07 26.24
CA GLU D 75 0.38 -18.23 25.73
C GLU D 75 -0.26 -16.89 25.43
N ASP D 76 0.37 -15.90 26.01
CA ASP D 76 -0.06 -14.54 26.14
C ASP D 76 0.33 -13.65 24.94
N THR D 77 1.41 -14.06 24.27
CA THR D 77 2.07 -13.25 23.24
C THR D 77 1.14 -12.98 22.06
N ARG D 78 0.98 -11.72 21.69
CA ARG D 78 0.02 -11.37 20.63
C ARG D 78 0.64 -10.85 19.30
N GLY D 79 1.91 -10.46 19.38
CA GLY D 79 2.71 -10.04 18.21
C GLY D 79 4.15 -10.48 18.35
N VAL D 80 4.72 -10.90 17.21
CA VAL D 80 6.08 -11.46 17.09
C VAL D 80 6.77 -10.63 16.01
N PHE D 81 7.99 -10.16 16.31
CA PHE D 81 8.68 -9.21 15.44
C PHE D 81 10.04 -9.77 15.15
N ILE D 82 10.39 -9.91 13.87
CA ILE D 82 11.65 -10.52 13.46
C ILE D 82 12.41 -9.65 12.48
N ASP D 83 13.62 -9.24 12.83
CA ASP D 83 14.45 -8.42 11.96
C ASP D 83 15.46 -9.28 11.19
N GLU D 84 15.98 -8.71 10.11
CA GLU D 84 17.05 -9.29 9.30
C GLU D 84 16.76 -10.73 8.90
N VAL D 85 15.55 -10.98 8.40
CA VAL D 85 15.07 -12.34 8.17
C VAL D 85 15.88 -13.07 7.11
N GLN D 86 16.57 -12.34 6.24
CA GLN D 86 17.35 -13.00 5.21
C GLN D 86 18.38 -13.98 5.81
N PHE D 87 18.84 -13.72 7.01
CA PHE D 87 19.83 -14.59 7.65
C PHE D 87 19.26 -15.83 8.34
N PHE D 88 17.94 -15.98 8.40
CA PHE D 88 17.36 -17.22 8.97
C PHE D 88 17.22 -18.35 7.96
N ASN D 89 17.28 -19.59 8.45
CA ASN D 89 17.00 -20.80 7.71
C ASN D 89 15.63 -20.65 7.06
N PRO D 90 15.43 -21.20 5.84
CA PRO D 90 14.07 -21.11 5.29
C PRO D 90 12.98 -21.84 6.08
N SER D 91 13.34 -22.58 7.12
CA SER D 91 12.32 -23.21 7.96
C SER D 91 11.45 -22.17 8.66
N LEU D 92 11.92 -20.90 8.66
CA LEU D 92 11.12 -19.78 9.21
C LEU D 92 9.74 -19.66 8.59
N PHE D 93 9.60 -20.11 7.33
CA PHE D 93 8.33 -20.07 6.63
C PHE D 93 7.27 -20.95 7.36
N GLU D 94 7.62 -22.16 7.76
CA GLU D 94 6.63 -22.96 8.52
C GLU D 94 6.41 -22.48 9.95
N VAL D 95 7.47 -21.94 10.59
CA VAL D 95 7.38 -21.47 11.97
C VAL D 95 6.49 -20.21 11.99
N VAL D 96 6.71 -19.30 11.04
CA VAL D 96 5.79 -18.16 10.93
C VAL D 96 4.35 -18.62 10.66
N LYS D 97 4.14 -19.56 9.76
CA LYS D 97 2.77 -20.03 9.50
C LYS D 97 2.05 -20.55 10.76
N ASP D 98 2.74 -21.39 11.52
CA ASP D 98 2.23 -21.90 12.78
C ASP D 98 1.81 -20.78 13.71
N LEU D 99 2.67 -19.77 13.82
CA LEU D 99 2.37 -18.57 14.61
C LEU D 99 1.08 -17.88 14.13
N LEU D 100 0.89 -17.78 12.81
CA LEU D 100 -0.35 -17.19 12.28
C LEU D 100 -1.59 -18.04 12.65
N ASP D 101 -1.45 -19.36 12.57
CA ASP D 101 -2.56 -20.24 12.83
C ASP D 101 -2.97 -20.23 14.31
N ARG D 102 -2.04 -19.82 15.19
CA ARG D 102 -2.29 -19.70 16.64
C ARG D 102 -2.81 -18.31 17.02
N GLY D 103 -3.14 -17.48 16.02
CA GLY D 103 -3.72 -16.16 16.27
C GLY D 103 -2.74 -15.03 16.57
N ILE D 104 -1.44 -15.27 16.33
CA ILE D 104 -0.39 -14.28 16.62
C ILE D 104 0.01 -13.51 15.35
N ASP D 105 -0.07 -12.17 15.38
CA ASP D 105 0.42 -11.31 14.31
C ASP D 105 1.97 -11.30 14.24
N VAL D 106 2.49 -11.42 13.03
CA VAL D 106 3.94 -11.50 12.85
C VAL D 106 4.37 -10.32 11.95
N PHE D 107 5.49 -9.69 12.27
CA PHE D 107 5.98 -8.62 11.42
C PHE D 107 7.44 -8.92 11.19
N CYS D 108 7.86 -8.90 9.92
CA CYS D 108 9.21 -9.34 9.52
C CYS D 108 9.87 -8.24 8.71
N ALA D 109 11.12 -7.91 9.02
CA ALA D 109 11.92 -7.05 8.12
C ALA D 109 13.14 -7.77 7.59
N GLY D 110 13.51 -7.49 6.33
CA GLY D 110 14.73 -8.07 5.81
C GLY D 110 15.05 -7.53 4.44
N LEU D 111 16.24 -7.86 3.95
CA LEU D 111 16.57 -7.61 2.55
C LEU D 111 15.84 -8.57 1.65
N ASP D 112 15.31 -8.04 0.54
CA ASP D 112 14.74 -8.86 -0.55
C ASP D 112 15.80 -9.41 -1.52
N LEU D 113 16.82 -8.61 -1.85
CA LEU D 113 17.88 -9.04 -2.80
C LEU D 113 19.32 -8.87 -2.30
N THR D 114 20.19 -9.78 -2.71
CA THR D 114 21.62 -9.69 -2.37
C THR D 114 22.27 -8.61 -3.19
N HIS D 115 23.46 -8.18 -2.76
CA HIS D 115 24.22 -7.19 -3.51
C HIS D 115 24.47 -7.55 -4.97
N LYS D 116 24.22 -8.80 -5.31
CA LYS D 116 24.36 -9.29 -6.69
C LYS D 116 23.02 -9.39 -7.39
N GLN D 117 21.98 -8.87 -6.74
CA GLN D 117 20.59 -8.93 -7.23
C GLN D 117 20.03 -10.33 -7.37
N ASN D 118 20.48 -11.28 -6.56
CA ASN D 118 19.78 -12.57 -6.41
C ASN D 118 18.81 -12.52 -5.22
N PRO D 119 17.70 -13.24 -5.31
CA PRO D 119 16.74 -13.24 -4.21
C PRO D 119 17.32 -13.83 -2.95
N PHE D 120 17.06 -13.20 -1.82
CA PHE D 120 17.24 -13.88 -0.54
C PHE D 120 16.05 -14.82 -0.31
N GLU D 121 16.31 -16.12 -0.37
CA GLU D 121 15.24 -17.12 -0.33
C GLU D 121 14.27 -17.01 0.84
N THR D 122 14.77 -16.82 2.05
CA THR D 122 13.87 -16.81 3.20
C THR D 122 12.95 -15.61 3.06
N THR D 123 13.49 -14.45 2.67
CA THR D 123 12.66 -13.25 2.52
C THR D 123 11.65 -13.50 1.39
N ALA D 124 12.10 -14.11 0.30
CA ALA D 124 11.21 -14.48 -0.79
C ALA D 124 10.02 -15.30 -0.32
N LEU D 125 10.28 -16.40 0.40
CA LEU D 125 9.21 -17.30 0.89
C LEU D 125 8.24 -16.53 1.80
N LEU D 126 8.77 -15.65 2.64
CA LEU D 126 7.88 -14.86 3.51
C LEU D 126 7.00 -13.88 2.74
N LEU D 127 7.49 -13.35 1.63
CA LEU D 127 6.67 -12.46 0.80
C LEU D 127 5.45 -13.20 0.21
N SER D 128 5.63 -14.47 -0.15
CA SER D 128 4.49 -15.20 -0.70
C SER D 128 3.48 -15.50 0.41
N LEU D 129 3.95 -15.58 1.66
CA LEU D 129 3.07 -15.85 2.78
C LEU D 129 2.34 -14.59 3.25
N ALA D 130 2.96 -13.42 3.07
CA ALA D 130 2.48 -12.16 3.66
C ALA D 130 1.06 -11.79 3.31
N ASP D 131 0.34 -11.26 4.30
CA ASP D 131 -0.93 -10.61 4.04
C ASP D 131 -0.66 -9.20 3.50
N THR D 132 0.40 -8.58 4.01
CA THR D 132 0.74 -7.21 3.64
C THR D 132 2.25 -7.12 3.36
N VAL D 133 2.62 -6.39 2.30
CA VAL D 133 4.01 -6.17 1.92
C VAL D 133 4.29 -4.68 1.85
N ILE D 134 5.30 -4.23 2.60
CA ILE D 134 5.82 -2.87 2.52
C ILE D 134 7.23 -2.86 1.89
N LYS D 135 7.30 -2.25 0.72
CA LYS D 135 8.56 -2.10 0.00
C LYS D 135 9.15 -0.74 0.37
N LYS D 136 10.35 -0.76 0.95
CA LYS D 136 11.04 0.45 1.38
C LYS D 136 12.16 0.88 0.42
N LYS D 137 12.36 2.20 0.31
CA LYS D 137 13.38 2.77 -0.56
C LYS D 137 14.40 3.52 0.26
N ALA D 138 15.62 3.62 -0.25
CA ALA D 138 16.69 4.36 0.40
C ALA D 138 16.97 5.61 -0.47
N VAL D 139 17.85 6.49 0.02
CA VAL D 139 18.40 7.56 -0.81
C VAL D 139 19.49 6.92 -1.66
N CYS D 140 19.47 7.16 -2.98
CA CYS D 140 20.52 6.65 -3.88
C CYS D 140 21.86 7.27 -3.53
N HIS D 141 22.87 6.45 -3.29
CA HIS D 141 24.20 6.94 -2.92
C HIS D 141 24.89 7.73 -4.05
N ARG D 142 24.68 7.34 -5.31
CA ARG D 142 25.28 8.07 -6.43
C ARG D 142 24.46 9.30 -6.85
N CYS D 143 23.18 9.10 -6.77
CA CYS D 143 22.11 9.84 -7.42
C CYS D 143 21.53 10.97 -6.58
N GLY D 144 21.37 10.68 -5.29
CA GLY D 144 20.80 11.62 -4.34
C GLY D 144 19.28 11.63 -4.33
N GLU D 145 18.68 10.80 -5.18
CA GLU D 145 17.23 10.75 -5.25
C GLU D 145 16.68 9.73 -4.25
N TYR D 146 15.44 9.94 -3.83
CA TYR D 146 14.74 8.96 -3.00
C TYR D 146 14.18 7.86 -3.88
N ASN D 147 15.05 6.96 -4.37
CA ASN D 147 14.62 5.93 -5.32
C ASN D 147 15.47 4.66 -5.32
N ALA D 148 16.31 4.48 -4.32
CA ALA D 148 17.19 3.31 -4.30
C ALA D 148 16.39 2.10 -3.89
N THR D 149 16.56 1.00 -4.59
CA THR D 149 15.79 -0.21 -4.35
C THR D 149 16.78 -1.37 -4.23
N LEU D 150 18.06 -1.08 -4.53
CA LEU D 150 19.11 -2.09 -4.66
C LEU D 150 20.30 -1.80 -3.73
N THR D 151 21.02 -2.86 -3.37
CA THR D 151 22.24 -2.74 -2.62
C THR D 151 23.41 -3.13 -3.54
N LEU D 152 24.54 -2.44 -3.38
CA LEU D 152 25.73 -2.63 -4.24
C LEU D 152 27.05 -2.78 -3.48
N LYS D 153 27.77 -3.85 -3.82
CA LYS D 153 29.22 -4.05 -3.53
C LYS D 153 29.61 -4.58 -2.16
N LYS D 168 32.53 -2.03 1.67
CA LYS D 168 31.45 -1.05 1.83
C LYS D 168 30.23 -1.49 1.03
N TYR D 169 29.05 -1.31 1.59
CA TYR D 169 27.84 -1.49 0.81
C TYR D 169 27.16 -0.14 0.71
N ILE D 170 26.44 0.02 -0.38
CA ILE D 170 25.95 1.32 -0.85
C ILE D 170 24.54 1.00 -1.35
N ALA D 171 23.54 1.86 -1.08
CA ALA D 171 22.20 1.69 -1.70
C ALA D 171 22.05 2.55 -2.95
N VAL D 172 21.50 1.97 -4.02
CA VAL D 172 21.43 2.64 -5.33
C VAL D 172 20.14 2.35 -6.06
N CYS D 173 19.76 3.23 -6.98
CA CYS D 173 18.63 2.99 -7.89
C CYS D 173 19.12 2.09 -9.02
N ARG D 174 18.19 1.55 -9.82
CA ARG D 174 18.54 0.59 -10.83
C ARG D 174 19.45 1.15 -11.92
N ASP D 175 19.22 2.39 -12.33
CA ASP D 175 20.08 3.07 -13.29
C ASP D 175 21.53 3.25 -12.76
N CYS D 176 21.69 3.65 -11.50
CA CYS D 176 23.04 3.89 -10.95
C CYS D 176 23.76 2.59 -10.68
N TYR D 177 23.06 1.58 -10.19
CA TYR D 177 23.58 0.20 -10.13
C TYR D 177 24.21 -0.23 -11.46
N ASN D 178 23.58 0.16 -12.58
CA ASN D 178 24.11 -0.23 -13.90
C ASN D 178 25.24 0.61 -14.48
N THR D 179 25.35 1.86 -14.02
CA THR D 179 26.44 2.76 -14.36
C THR D 179 27.69 2.37 -13.59
N LEU D 180 27.52 1.90 -12.35
CA LEU D 180 28.61 1.57 -11.43
C LEU D 180 29.14 0.14 -11.54
N LYS D 181 28.32 -0.76 -12.08
CA LYS D 181 28.69 -2.18 -12.21
C LYS D 181 27.75 -2.91 -13.14
ZN ZN E . -12.24 -3.12 18.86
S SO4 F . 0.97 8.36 17.03
O1 SO4 F . 1.41 7.16 17.73
O2 SO4 F . 0.13 9.18 17.88
O3 SO4 F . 0.17 7.93 15.91
O4 SO4 F . 2.15 9.12 16.65
ZN ZN G . -13.75 -17.27 5.86
S SO4 H . -7.99 -14.42 -10.61
O1 SO4 H . -8.15 -15.87 -10.58
O2 SO4 H . -7.32 -14.07 -11.84
O3 SO4 H . -7.13 -14.08 -9.51
O4 SO4 H . -9.25 -13.72 -10.48
ZN ZN I . 5.29 14.07 -18.01
S SO4 J . -10.34 6.68 -15.42
O1 SO4 J . -9.71 5.85 -16.42
O2 SO4 J . -10.92 7.93 -15.92
O3 SO4 J . -9.42 7.08 -14.36
O4 SO4 J . -11.45 5.96 -14.83
ZN ZN K . 20.57 6.75 -8.56
S SO4 L . 17.73 -0.49 7.34
O1 SO4 L . 19.03 -1.15 7.09
O2 SO4 L . 17.18 -0.97 8.60
O3 SO4 L . 16.81 -0.75 6.26
O4 SO4 L . 17.97 0.93 7.46
#